data_6SPU
#
_entry.id   6SPU
#
_cell.length_a   51.477
_cell.length_b   71.639
_cell.length_c   97.731
_cell.angle_alpha   90.000
_cell.angle_beta   90.000
_cell.angle_gamma   90.000
#
_symmetry.space_group_name_H-M   'P 21 21 21'
#
loop_
_entity.id
_entity.type
_entity.pdbx_description
1 polymer 'cAMP-dependent protein kinase catalytic subunit alpha'
2 non-polymer 'DIMETHYL SULFOXIDE'
3 non-polymer '3-AMINOBENZOIC ACID'
4 water water
#
_entity_poly.entity_id   1
_entity_poly.type   'polypeptide(L)'
_entity_poly.pdbx_seq_one_letter_code
;GHMGNAAAAKKGSEQESVKEFLAKAKEEFLKKWESPSQNTAQLDHFDRIKTLGTGSFGRVMLVKHKETGNHYAMKILDKQ
KVVKLKQIEHTLNEKRILQAVNFPFLVKLEFSFKDNSNLYMVMEYVPGGEMFSHLRRIGRF(SEP)EPHARFYAAQIVLT
FEYLHSLDLIYRDLKPENLLIDQQGYIQVTDFGFAKRVKGRTW(TPO)LCGTPEYLAPEIILSKGYNKAVDWWALGVLIY
EMAAGYPPFFADQPIQIYEKIVSGKVRFPSHFSSDLKDLLRNLLQVDLTKRFGNLKNGVNDIKNHKWFATTDWIAIYQRK
VEAPFIPKFKGPGDTSNFDDYEEEEIRV(SEP)INEKCGKEFTEF
;
_entity_poly.pdbx_strand_id   A
#
loop_
_chem_comp.id
_chem_comp.type
_chem_comp.name
_chem_comp.formula
DMS non-polymer 'DIMETHYL SULFOXIDE' 'C2 H6 O S'
GAB non-polymer '3-AMINOBENZOIC ACID' 'C7 H7 N O2'
#
# COMPACT_ATOMS: atom_id res chain seq x y z
N GLU A 16 -1.26 -19.68 -19.99
CA GLU A 16 -0.64 -18.81 -20.99
C GLU A 16 -1.34 -17.48 -20.98
N SER A 17 -2.65 -17.46 -20.74
CA SER A 17 -3.35 -16.19 -20.71
C SER A 17 -2.80 -15.28 -19.62
N VAL A 18 -2.44 -15.85 -18.46
CA VAL A 18 -1.83 -15.10 -17.37
C VAL A 18 -0.40 -14.70 -17.71
N LYS A 19 0.36 -15.61 -18.31
CA LYS A 19 1.72 -15.30 -18.74
C LYS A 19 1.73 -14.13 -19.71
N GLU A 20 0.83 -14.16 -20.69
CA GLU A 20 0.79 -13.08 -21.67
C GLU A 20 0.31 -11.78 -21.04
N PHE A 21 -0.66 -11.84 -20.13
CA PHE A 21 -1.07 -10.65 -19.41
C PHE A 21 0.12 -10.02 -18.68
N LEU A 22 0.86 -10.83 -17.92
CA LEU A 22 1.97 -10.28 -17.15
C LEU A 22 3.09 -9.78 -18.05
N ALA A 23 3.32 -10.44 -19.19
CA ALA A 23 4.35 -9.94 -20.11
C ALA A 23 3.99 -8.55 -20.63
N LYS A 24 2.72 -8.34 -21.01
CA LYS A 24 2.31 -7.02 -21.47
C LYS A 24 2.38 -6.01 -20.34
N ALA A 25 1.96 -6.41 -19.13
CA ALA A 25 2.06 -5.52 -17.99
C ALA A 25 3.48 -5.04 -17.78
N LYS A 26 4.45 -5.95 -17.91
CA LYS A 26 5.84 -5.59 -17.69
C LYS A 26 6.36 -4.67 -18.80
N GLU A 27 6.02 -4.96 -20.05
CA GLU A 27 6.38 -4.11 -21.18
C GLU A 27 5.90 -2.68 -20.94
N GLU A 28 4.64 -2.54 -20.53
CA GLU A 28 4.06 -1.21 -20.38
C GLU A 28 4.69 -0.47 -19.20
N PHE A 29 4.94 -1.19 -18.11
CA PHE A 29 5.66 -0.63 -16.97
C PHE A 29 7.04 -0.17 -17.38
N LEU A 30 7.78 -1.00 -18.11
CA LEU A 30 9.17 -0.66 -18.41
C LEU A 30 9.24 0.57 -19.29
N LYS A 31 8.31 0.74 -20.23
CA LYS A 31 8.36 1.92 -21.09
C LYS A 31 8.25 3.21 -20.25
N LYS A 32 7.34 3.24 -19.31
CA LYS A 32 7.21 4.40 -18.43
C LYS A 32 8.33 4.50 -17.41
N TRP A 33 8.84 3.36 -16.93
CA TRP A 33 9.94 3.34 -15.98
C TRP A 33 11.19 3.96 -16.58
N GLU A 34 11.45 3.67 -17.85
CA GLU A 34 12.65 4.16 -18.51
C GLU A 34 12.55 5.61 -18.95
N SER A 35 11.33 6.15 -19.09
CA SER A 35 11.11 7.53 -19.51
C SER A 35 10.04 8.15 -18.65
N PRO A 36 10.34 8.46 -17.38
CA PRO A 36 9.29 8.88 -16.45
C PRO A 36 8.71 10.25 -16.80
N SER A 37 7.42 10.39 -16.53
CA SER A 37 6.80 11.69 -16.68
C SER A 37 7.25 12.61 -15.54
N GLN A 38 7.27 13.90 -15.82
CA GLN A 38 7.73 14.91 -14.89
C GLN A 38 6.95 16.19 -15.12
N ASN A 39 6.68 16.92 -14.03
CA ASN A 39 6.22 18.30 -14.12
C ASN A 39 4.92 18.41 -14.92
N THR A 40 3.90 17.67 -14.48
CA THR A 40 2.64 17.60 -15.22
C THR A 40 1.53 18.46 -14.63
N ALA A 41 1.79 19.21 -13.57
CA ALA A 41 0.84 20.21 -13.06
C ALA A 41 1.62 21.23 -12.24
N GLN A 42 0.90 22.17 -11.63
CA GLN A 42 1.54 23.11 -10.71
C GLN A 42 0.57 23.43 -9.59
N LEU A 43 1.10 23.97 -8.49
CA LEU A 43 0.33 24.09 -7.26
C LEU A 43 -0.87 25.00 -7.42
N ASP A 44 -0.74 26.11 -8.15
CA ASP A 44 -1.82 27.07 -8.22
C ASP A 44 -2.91 26.67 -9.19
N HIS A 45 -2.86 25.46 -9.75
CA HIS A 45 -4.02 24.91 -10.42
C HIS A 45 -4.99 24.24 -9.45
N PHE A 46 -4.67 24.20 -8.15
CA PHE A 46 -5.48 23.51 -7.17
C PHE A 46 -5.87 24.40 -6.00
N ASP A 47 -7.05 24.12 -5.46
CA ASP A 47 -7.51 24.70 -4.20
C ASP A 47 -7.31 23.65 -3.11
N ARG A 48 -6.85 24.06 -1.95
CA ARG A 48 -6.71 23.17 -0.80
C ARG A 48 -8.03 23.08 -0.05
N ILE A 49 -8.42 21.86 0.31
CA ILE A 49 -9.68 21.63 1.00
C ILE A 49 -9.46 21.20 2.47
N LYS A 50 -8.68 20.15 2.70
CA LYS A 50 -8.56 19.61 4.05
C LYS A 50 -7.35 18.70 4.13
N THR A 51 -6.71 18.68 5.28
CA THR A 51 -5.62 17.74 5.52
C THR A 51 -6.19 16.38 5.89
N LEU A 52 -5.78 15.34 5.14
CA LEU A 52 -6.28 13.99 5.36
C LEU A 52 -5.32 13.11 6.16
N GLY A 53 -4.06 13.51 6.26
CA GLY A 53 -3.05 12.74 6.98
C GLY A 53 -1.77 13.53 7.08
N THR A 54 -0.95 13.24 8.09
N THR A 54 -0.94 13.25 8.09
CA THR A 54 0.28 14.00 8.30
CA THR A 54 0.29 14.02 8.26
C THR A 54 1.37 13.06 8.81
C THR A 54 1.36 13.15 8.90
N GLY A 55 2.61 13.42 8.53
CA GLY A 55 3.75 12.64 8.98
C GLY A 55 4.98 13.48 9.26
N SER A 56 6.13 12.80 9.44
N SER A 56 6.13 12.79 9.45
CA SER A 56 7.34 13.50 9.83
CA SER A 56 7.35 13.50 9.84
C SER A 56 7.90 14.37 8.72
C SER A 56 7.95 14.32 8.71
N PHE A 57 7.66 14.00 7.45
CA PHE A 57 8.21 14.76 6.34
C PHE A 57 7.18 15.13 5.28
N GLY A 58 5.90 14.88 5.54
CA GLY A 58 4.92 15.18 4.51
C GLY A 58 3.50 15.06 5.04
N ARG A 59 2.56 15.32 4.13
CA ARG A 59 1.14 15.33 4.41
C ARG A 59 0.39 14.87 3.17
N VAL A 60 -0.88 14.53 3.36
CA VAL A 60 -1.79 14.32 2.23
C VAL A 60 -2.98 15.24 2.43
N MET A 61 -3.35 15.97 1.40
N MET A 61 -3.32 15.98 1.38
CA MET A 61 -4.45 16.91 1.47
CA MET A 61 -4.39 16.96 1.33
C MET A 61 -5.45 16.69 0.35
C MET A 61 -5.47 16.49 0.36
N LEU A 62 -6.72 16.80 0.68
CA LEU A 62 -7.76 16.85 -0.34
C LEU A 62 -7.65 18.19 -1.03
N VAL A 63 -7.59 18.16 -2.36
CA VAL A 63 -7.53 19.37 -3.18
C VAL A 63 -8.58 19.27 -4.28
N LYS A 64 -8.89 20.40 -4.88
CA LYS A 64 -9.80 20.48 -6.02
C LYS A 64 -9.09 21.20 -7.16
N HIS A 65 -9.13 20.60 -8.34
CA HIS A 65 -8.60 21.27 -9.52
C HIS A 65 -9.51 22.41 -9.92
N LYS A 66 -8.92 23.61 -10.08
CA LYS A 66 -9.72 24.82 -10.25
C LYS A 66 -10.47 24.88 -11.57
N GLU A 67 -9.94 24.27 -12.62
CA GLU A 67 -10.57 24.33 -13.93
C GLU A 67 -11.55 23.18 -14.17
N THR A 68 -11.24 21.96 -13.71
CA THR A 68 -12.10 20.83 -13.99
C THR A 68 -13.06 20.53 -12.85
N GLY A 69 -12.76 20.99 -11.65
CA GLY A 69 -13.55 20.69 -10.48
C GLY A 69 -13.30 19.33 -9.88
N ASN A 70 -12.35 18.56 -10.42
CA ASN A 70 -12.10 17.21 -9.92
C ASN A 70 -11.38 17.29 -8.58
N HIS A 71 -11.68 16.36 -7.68
CA HIS A 71 -10.99 16.26 -6.41
C HIS A 71 -9.87 15.26 -6.55
N TYR A 72 -8.80 15.49 -5.79
CA TYR A 72 -7.62 14.61 -5.77
C TYR A 72 -7.04 14.61 -4.37
N ALA A 73 -6.22 13.61 -4.06
CA ALA A 73 -5.42 13.60 -2.84
C ALA A 73 -4.00 13.98 -3.21
N MET A 74 -3.51 15.07 -2.66
CA MET A 74 -2.19 15.59 -2.98
C MET A 74 -1.24 15.28 -1.83
N LYS A 75 -0.25 14.43 -2.09
CA LYS A 75 0.81 14.15 -1.14
C LYS A 75 1.89 15.21 -1.32
N ILE A 76 2.24 15.86 -0.24
CA ILE A 76 3.19 16.97 -0.23
C ILE A 76 4.36 16.58 0.65
N LEU A 77 5.55 16.50 0.08
CA LEU A 77 6.75 16.13 0.83
C LEU A 77 7.69 17.33 0.91
N ASP A 78 8.13 17.64 2.13
CA ASP A 78 9.08 18.72 2.38
C ASP A 78 10.49 18.22 2.04
N LYS A 79 11.11 18.81 1.02
CA LYS A 79 12.40 18.29 0.54
C LYS A 79 13.45 18.28 1.63
N GLN A 80 13.55 19.36 2.40
CA GLN A 80 14.58 19.41 3.43
C GLN A 80 14.36 18.33 4.48
N LYS A 81 13.11 18.04 4.82
CA LYS A 81 12.85 17.00 5.82
C LYS A 81 13.09 15.62 5.25
N VAL A 82 12.77 15.43 3.97
CA VAL A 82 13.08 14.17 3.30
C VAL A 82 14.58 13.89 3.37
N VAL A 83 15.40 14.91 3.10
CA VAL A 83 16.85 14.75 3.17
C VAL A 83 17.28 14.42 4.61
N LYS A 84 16.79 15.20 5.58
CA LYS A 84 17.20 14.99 6.96
C LYS A 84 16.87 13.58 7.44
N LEU A 85 15.71 13.05 7.07
CA LEU A 85 15.29 11.72 7.48
C LEU A 85 15.77 10.62 6.54
N LYS A 86 16.68 10.92 5.62
CA LYS A 86 17.34 9.92 4.78
C LYS A 86 16.33 9.17 3.94
N GLN A 87 15.35 9.90 3.40
CA GLN A 87 14.31 9.31 2.57
C GLN A 87 14.41 9.73 1.10
N ILE A 88 15.58 10.22 0.65
CA ILE A 88 15.68 10.69 -0.73
C ILE A 88 15.35 9.57 -1.71
N GLU A 89 16.10 8.47 -1.62
CA GLU A 89 15.92 7.37 -2.56
C GLU A 89 14.51 6.80 -2.49
N HIS A 90 13.95 6.71 -1.28
CA HIS A 90 12.61 6.18 -1.12
C HIS A 90 11.59 7.07 -1.81
N THR A 91 11.73 8.40 -1.70
N THR A 91 11.74 8.39 -1.68
CA THR A 91 10.75 9.27 -2.36
CA THR A 91 10.82 9.31 -2.33
C THR A 91 10.90 9.24 -3.88
C THR A 91 10.91 9.20 -3.85
N LEU A 92 12.13 9.12 -4.38
CA LEU A 92 12.31 8.99 -5.82
C LEU A 92 11.76 7.66 -6.31
N ASN A 93 11.97 6.58 -5.54
CA ASN A 93 11.36 5.30 -5.84
C ASN A 93 9.84 5.45 -5.95
N GLU A 94 9.23 6.06 -4.93
CA GLU A 94 7.77 6.15 -4.87
C GLU A 94 7.21 6.79 -6.12
N LYS A 95 7.76 7.94 -6.50
CA LYS A 95 7.23 8.63 -7.68
C LYS A 95 7.53 7.88 -8.98
N ARG A 96 8.74 7.36 -9.14
CA ARG A 96 9.09 6.69 -10.40
C ARG A 96 8.23 5.43 -10.58
N ILE A 97 7.98 4.71 -9.49
CA ILE A 97 7.12 3.53 -9.57
C ILE A 97 5.68 3.93 -9.85
N LEU A 98 5.13 4.89 -9.08
CA LEU A 98 3.73 5.21 -9.24
C LEU A 98 3.41 5.72 -10.64
N GLN A 99 4.31 6.50 -11.25
CA GLN A 99 4.02 6.99 -12.59
C GLN A 99 4.07 5.88 -13.64
N ALA A 100 4.63 4.72 -13.31
CA ALA A 100 4.79 3.64 -14.28
C ALA A 100 3.84 2.46 -14.12
N VAL A 101 3.15 2.32 -12.98
CA VAL A 101 2.31 1.16 -12.73
C VAL A 101 0.87 1.43 -13.17
N ASN A 102 0.13 0.34 -13.33
CA ASN A 102 -1.27 0.44 -13.74
C ASN A 102 -1.93 -0.88 -13.34
N PHE A 103 -2.81 -0.84 -12.34
CA PHE A 103 -3.50 -2.06 -11.91
C PHE A 103 -4.79 -1.69 -11.19
N PRO A 104 -5.83 -2.53 -11.27
CA PRO A 104 -7.15 -2.07 -10.76
C PRO A 104 -7.15 -1.74 -9.29
N PHE A 105 -6.24 -2.30 -8.49
CA PHE A 105 -6.26 -2.13 -7.04
C PHE A 105 -5.13 -1.25 -6.54
N LEU A 106 -4.56 -0.41 -7.41
CA LEU A 106 -3.57 0.58 -7.03
C LEU A 106 -4.13 1.97 -7.26
N VAL A 107 -4.03 2.85 -6.24
CA VAL A 107 -4.39 4.25 -6.43
C VAL A 107 -3.54 4.82 -7.57
N LYS A 108 -4.17 5.54 -8.49
CA LYS A 108 -3.51 6.11 -9.64
C LYS A 108 -2.87 7.46 -9.33
N LEU A 109 -1.65 7.63 -9.79
CA LEU A 109 -1.00 8.94 -9.82
C LEU A 109 -1.48 9.69 -11.05
N GLU A 110 -2.04 10.87 -10.85
CA GLU A 110 -2.57 11.68 -11.92
C GLU A 110 -1.61 12.77 -12.37
N PHE A 111 -0.91 13.42 -11.43
CA PHE A 111 0.07 14.44 -11.77
C PHE A 111 1.21 14.38 -10.76
N SER A 112 2.37 14.93 -11.15
CA SER A 112 3.43 15.16 -10.19
C SER A 112 4.20 16.42 -10.60
N PHE A 113 4.82 17.06 -9.61
CA PHE A 113 5.61 18.27 -9.84
C PHE A 113 6.37 18.58 -8.56
N LYS A 114 7.27 19.54 -8.64
CA LYS A 114 8.03 20.01 -7.50
C LYS A 114 8.17 21.52 -7.62
N ASP A 115 8.50 22.14 -6.50
CA ASP A 115 8.79 23.58 -6.48
C ASP A 115 10.02 23.77 -5.60
N ASN A 116 10.26 25.01 -5.18
CA ASN A 116 11.48 25.29 -4.44
C ASN A 116 11.55 24.50 -3.14
N SER A 117 10.40 24.17 -2.54
CA SER A 117 10.41 23.55 -1.21
C SER A 117 9.93 22.12 -1.16
N ASN A 118 8.96 21.74 -1.99
CA ASN A 118 8.24 20.50 -1.78
C ASN A 118 8.19 19.67 -3.05
N LEU A 119 7.89 18.39 -2.84
CA LEU A 119 7.55 17.42 -3.88
C LEU A 119 6.06 17.15 -3.78
N TYR A 120 5.40 17.03 -4.94
CA TYR A 120 3.96 16.82 -4.97
C TYR A 120 3.59 15.62 -5.83
N MET A 121 2.75 14.74 -5.28
CA MET A 121 2.15 13.64 -6.03
C MET A 121 0.64 13.77 -5.89
N VAL A 122 -0.05 13.95 -7.01
CA VAL A 122 -1.49 14.20 -7.02
C VAL A 122 -2.13 12.90 -7.47
N MET A 123 -2.88 12.27 -6.54
N MET A 123 -3.00 12.36 -6.61
CA MET A 123 -3.44 10.96 -6.74
CA MET A 123 -3.45 10.98 -6.70
C MET A 123 -4.96 11.01 -6.82
C MET A 123 -4.97 10.95 -6.68
N GLU A 124 -5.55 9.94 -7.33
CA GLU A 124 -6.99 9.76 -7.22
C GLU A 124 -7.41 9.79 -5.75
N TYR A 125 -8.50 10.50 -5.45
CA TYR A 125 -9.05 10.53 -4.10
C TYR A 125 -10.02 9.38 -3.93
N VAL A 126 -9.90 8.68 -2.80
CA VAL A 126 -10.71 7.49 -2.48
C VAL A 126 -11.52 7.83 -1.23
N PRO A 127 -12.77 8.29 -1.39
CA PRO A 127 -13.49 8.87 -0.24
C PRO A 127 -13.90 7.88 0.83
N GLY A 128 -13.84 6.58 0.56
CA GLY A 128 -14.25 5.61 1.57
C GLY A 128 -13.30 5.48 2.73
N GLY A 129 -12.10 6.02 2.64
CA GLY A 129 -11.17 6.00 3.74
C GLY A 129 -10.41 4.70 3.86
N GLU A 130 -9.65 4.61 4.94
CA GLU A 130 -8.77 3.48 5.17
C GLU A 130 -9.50 2.24 5.65
N MET A 131 -9.08 1.08 5.14
N MET A 131 -9.07 1.08 5.17
CA MET A 131 -9.56 -0.17 5.69
CA MET A 131 -9.62 -0.16 5.69
C MET A 131 -9.44 -0.19 7.19
C MET A 131 -9.39 -0.28 7.19
N PHE A 132 -8.32 0.33 7.71
CA PHE A 132 -8.08 0.33 9.14
C PHE A 132 -9.25 0.90 9.94
N SER A 133 -9.80 2.03 9.50
N SER A 133 -9.79 2.03 9.50
CA SER A 133 -10.89 2.64 10.26
CA SER A 133 -10.89 2.64 10.24
C SER A 133 -12.14 1.77 10.24
C SER A 133 -12.11 1.74 10.25
N HIS A 134 -12.44 1.14 9.11
CA HIS A 134 -13.60 0.26 9.04
C HIS A 134 -13.39 -1.01 9.87
N LEU A 135 -12.19 -1.57 9.83
CA LEU A 135 -11.88 -2.73 10.65
C LEU A 135 -12.01 -2.43 12.14
N ARG A 136 -11.45 -1.31 12.58
CA ARG A 136 -11.54 -0.98 13.99
C ARG A 136 -12.97 -0.64 14.40
N ARG A 137 -13.76 -0.08 13.49
N ARG A 137 -13.74 -0.01 13.51
CA ARG A 137 -15.15 0.23 13.82
CA ARG A 137 -15.15 0.23 13.77
C ARG A 137 -16.00 -1.03 13.97
C ARG A 137 -15.89 -1.08 14.05
N ILE A 138 -15.77 -2.04 13.12
CA ILE A 138 -16.56 -3.26 13.19
C ILE A 138 -15.97 -4.32 14.11
N GLY A 139 -14.68 -4.26 14.41
CA GLY A 139 -14.04 -5.24 15.25
C GLY A 139 -13.23 -6.21 14.45
N ARG A 140 -13.90 -7.08 13.69
CA ARG A 140 -13.19 -7.97 12.78
C ARG A 140 -14.09 -8.21 11.58
N PHE A 141 -13.47 -8.58 10.47
CA PHE A 141 -14.21 -9.00 9.28
C PHE A 141 -14.48 -10.50 9.30
N SEP A 142 -15.62 -10.90 8.74
CA SEP A 142 -15.88 -12.32 8.54
CB SEP A 142 -17.28 -12.52 7.97
OG SEP A 142 -17.32 -12.01 6.64
C SEP A 142 -14.84 -12.87 7.57
O SEP A 142 -14.21 -12.13 6.82
P SEP A 142 -18.78 -11.85 5.98
O1P SEP A 142 -19.57 -10.77 6.90
O2P SEP A 142 -18.63 -11.24 4.51
O3P SEP A 142 -19.54 -13.22 5.98
H SEP A 142 -16.24 -10.37 8.47
HA SEP A 142 -15.84 -12.81 9.40
HB2 SEP A 142 -17.92 -12.04 8.51
HB3 SEP A 142 -17.49 -13.46 7.97
N GLU A 143 -14.64 -14.18 7.55
CA GLU A 143 -13.68 -14.74 6.62
C GLU A 143 -14.00 -14.38 5.16
N PRO A 144 -15.26 -14.46 4.71
CA PRO A 144 -15.50 -14.07 3.31
C PRO A 144 -15.08 -12.65 3.00
N HIS A 145 -15.32 -11.74 3.94
CA HIS A 145 -14.98 -10.33 3.77
C HIS A 145 -13.47 -10.15 3.74
N ALA A 146 -12.77 -10.78 4.69
CA ALA A 146 -11.31 -10.75 4.68
C ALA A 146 -10.76 -11.34 3.40
N ARG A 147 -11.38 -12.43 2.92
CA ARG A 147 -10.92 -13.12 1.72
C ARG A 147 -11.07 -12.27 0.48
N PHE A 148 -12.18 -11.52 0.37
CA PHE A 148 -12.38 -10.60 -0.75
C PHE A 148 -11.24 -9.60 -0.85
N TYR A 149 -10.87 -8.98 0.28
CA TYR A 149 -9.75 -8.06 0.27
C TYR A 149 -8.42 -8.76 0.04
N ALA A 150 -8.23 -9.90 0.71
CA ALA A 150 -6.99 -10.65 0.54
C ALA A 150 -6.75 -11.01 -0.92
N ALA A 151 -7.80 -11.42 -1.64
CA ALA A 151 -7.62 -11.80 -3.04
C ALA A 151 -7.10 -10.64 -3.86
N GLN A 152 -7.58 -9.43 -3.58
CA GLN A 152 -7.11 -8.25 -4.29
C GLN A 152 -5.63 -8.00 -4.00
N ILE A 153 -5.19 -8.20 -2.76
CA ILE A 153 -3.78 -8.04 -2.43
C ILE A 153 -2.95 -9.12 -3.13
N VAL A 154 -3.43 -10.36 -3.16
CA VAL A 154 -2.68 -11.42 -3.85
C VAL A 154 -2.45 -11.04 -5.31
N LEU A 155 -3.52 -10.63 -6.00
CA LEU A 155 -3.37 -10.23 -7.40
C LEU A 155 -2.43 -9.02 -7.54
N THR A 156 -2.55 -8.07 -6.64
CA THR A 156 -1.71 -6.88 -6.70
C THR A 156 -0.24 -7.23 -6.52
N PHE A 157 0.07 -8.13 -5.58
CA PHE A 157 1.45 -8.55 -5.37
C PHE A 157 1.95 -9.41 -6.53
N GLU A 158 1.08 -10.23 -7.13
CA GLU A 158 1.47 -10.95 -8.33
C GLU A 158 1.90 -9.98 -9.43
N TYR A 159 1.12 -8.92 -9.62
CA TYR A 159 1.46 -7.88 -10.57
C TYR A 159 2.77 -7.18 -10.21
N LEU A 160 2.87 -6.67 -8.99
CA LEU A 160 4.08 -5.92 -8.61
C LEU A 160 5.32 -6.79 -8.70
N HIS A 161 5.25 -8.02 -8.20
CA HIS A 161 6.43 -8.89 -8.18
C HIS A 161 6.86 -9.24 -9.60
N SER A 162 5.92 -9.36 -10.54
CA SER A 162 6.26 -9.64 -11.92
C SER A 162 7.06 -8.50 -12.54
N LEU A 163 6.92 -7.30 -12.02
CA LEU A 163 7.68 -6.13 -12.43
C LEU A 163 8.96 -5.95 -11.63
N ASP A 164 9.31 -6.92 -10.77
CA ASP A 164 10.46 -6.85 -9.88
C ASP A 164 10.29 -5.77 -8.82
N LEU A 165 9.05 -5.47 -8.45
CA LEU A 165 8.77 -4.50 -7.42
C LEU A 165 8.38 -5.18 -6.12
N ILE A 166 8.99 -4.74 -5.02
CA ILE A 166 8.59 -5.15 -3.67
C ILE A 166 7.85 -3.97 -3.04
N TYR A 167 6.75 -4.23 -2.36
CA TYR A 167 5.90 -3.15 -1.85
C TYR A 167 6.34 -2.69 -0.46
N ARG A 168 6.54 -3.60 0.48
CA ARG A 168 7.19 -3.37 1.76
C ARG A 168 6.45 -2.46 2.74
N ASP A 169 5.20 -2.15 2.53
CA ASP A 169 4.50 -1.37 3.54
C ASP A 169 3.06 -1.82 3.70
N LEU A 170 2.78 -3.11 3.54
CA LEU A 170 1.41 -3.55 3.72
C LEU A 170 0.98 -3.40 5.18
N LYS A 171 -0.19 -2.79 5.37
CA LYS A 171 -0.83 -2.58 6.65
C LYS A 171 -2.21 -2.01 6.36
N PRO A 172 -3.16 -2.13 7.30
CA PRO A 172 -4.54 -1.73 6.99
C PRO A 172 -4.70 -0.26 6.68
N GLU A 173 -3.81 0.60 7.18
CA GLU A 173 -3.91 2.02 6.91
C GLU A 173 -3.64 2.37 5.45
N ASN A 174 -2.94 1.52 4.73
CA ASN A 174 -2.53 1.82 3.36
C ASN A 174 -3.49 1.28 2.32
N LEU A 175 -4.60 0.68 2.74
CA LEU A 175 -5.57 0.09 1.85
C LEU A 175 -6.83 0.95 1.96
N LEU A 176 -7.15 1.68 0.91
CA LEU A 176 -8.34 2.52 0.91
C LEU A 176 -9.49 1.77 0.25
N ILE A 177 -10.71 2.11 0.67
N ILE A 177 -10.71 2.08 0.66
CA ILE A 177 -11.92 1.46 0.18
CA ILE A 177 -11.90 1.39 0.15
C ILE A 177 -12.60 2.41 -0.78
C ILE A 177 -12.67 2.34 -0.74
N ASP A 178 -12.85 1.95 -2.01
CA ASP A 178 -13.43 2.82 -3.02
C ASP A 178 -14.95 2.71 -3.03
N GLN A 179 -15.57 3.45 -3.95
CA GLN A 179 -17.02 3.58 -3.97
C GLN A 179 -17.70 2.26 -4.31
N GLN A 180 -16.98 1.32 -4.91
CA GLN A 180 -17.52 -0.01 -5.20
C GLN A 180 -17.19 -1.02 -4.11
N GLY A 181 -16.50 -0.59 -3.06
CA GLY A 181 -16.10 -1.49 -2.00
C GLY A 181 -14.82 -2.26 -2.25
N TYR A 182 -14.08 -1.92 -3.31
CA TYR A 182 -12.81 -2.54 -3.63
C TYR A 182 -11.64 -1.78 -3.01
N ILE A 183 -10.51 -2.48 -2.88
CA ILE A 183 -9.29 -1.93 -2.32
C ILE A 183 -8.54 -1.11 -3.34
N GLN A 184 -7.99 0.01 -2.89
N GLN A 184 -7.94 -0.01 -2.89
CA GLN A 184 -6.98 0.80 -3.60
CA GLN A 184 -6.96 0.73 -3.68
C GLN A 184 -5.77 0.91 -2.68
C GLN A 184 -5.75 1.01 -2.79
N VAL A 185 -4.63 0.35 -3.10
CA VAL A 185 -3.41 0.45 -2.30
C VAL A 185 -2.74 1.80 -2.55
N THR A 186 -2.38 2.47 -1.47
CA THR A 186 -1.64 3.72 -1.53
C THR A 186 -0.36 3.60 -0.70
N ASP A 187 0.46 4.63 -0.77
CA ASP A 187 1.71 4.78 -0.05
C ASP A 187 2.77 3.81 -0.56
N PHE A 188 3.44 4.24 -1.61
CA PHE A 188 4.55 3.53 -2.21
C PHE A 188 5.89 4.04 -1.70
N GLY A 189 5.91 4.66 -0.53
CA GLY A 189 7.11 5.26 0.00
C GLY A 189 8.24 4.29 0.25
N PHE A 190 7.92 3.02 0.50
CA PHE A 190 8.93 2.00 0.67
C PHE A 190 9.02 1.02 -0.50
N ALA A 191 8.25 1.22 -1.56
CA ALA A 191 8.30 0.31 -2.71
C ALA A 191 9.60 0.50 -3.46
N LYS A 192 10.13 -0.59 -4.02
CA LYS A 192 11.44 -0.54 -4.66
C LYS A 192 11.54 -1.60 -5.75
N ARG A 193 12.21 -1.25 -6.84
CA ARG A 193 12.53 -2.24 -7.86
C ARG A 193 13.79 -2.99 -7.45
N VAL A 194 13.66 -4.31 -7.29
CA VAL A 194 14.69 -5.16 -6.73
C VAL A 194 14.72 -6.45 -7.55
N LYS A 195 15.86 -6.74 -8.15
CA LYS A 195 16.13 -8.05 -8.73
C LYS A 195 17.14 -8.69 -7.78
N GLY A 196 16.67 -9.65 -6.99
CA GLY A 196 17.50 -10.24 -5.98
C GLY A 196 17.14 -9.73 -4.63
N ARG A 197 18.12 -9.18 -3.91
CA ARG A 197 17.94 -8.82 -2.52
C ARG A 197 18.04 -7.31 -2.33
N THR A 198 17.54 -6.86 -1.19
CA THR A 198 17.65 -5.49 -0.70
C THR A 198 17.79 -5.55 0.82
N TRP A 199 18.20 -4.44 1.44
CA TRP A 199 18.66 -4.46 2.82
C TRP A 199 18.05 -3.44 3.80
N TPO A 200 17.26 -2.49 3.30
CA TPO A 200 16.83 -1.37 4.14
CB TPO A 200 16.19 -0.26 3.30
CG2 TPO A 200 15.86 0.94 4.17
OG1 TPO A 200 17.11 0.15 2.32
P TPO A 200 16.55 -0.09 0.86
O1P TPO A 200 17.76 0.21 -0.14
O2P TPO A 200 15.37 0.77 0.58
O3P TPO A 200 16.15 -1.62 0.71
C TPO A 200 15.84 -1.81 5.22
O TPO A 200 14.88 -2.51 4.96
H TPO A 200 16.97 -2.47 2.50
HA TPO A 200 17.62 -1.03 4.59
HB TPO A 200 15.27 -0.66 2.84
HG21 TPO A 200 15.47 1.75 3.56
HG22 TPO A 200 16.76 1.27 4.69
HG23 TPO A 200 15.11 0.65 4.91
N LEU A 201 16.08 -1.36 6.45
CA LEU A 201 15.13 -1.55 7.53
C LEU A 201 13.98 -0.57 7.34
N CYS A 202 12.81 -1.09 6.98
CA CYS A 202 11.63 -0.26 6.78
C CYS A 202 10.40 -1.15 6.86
N GLY A 203 9.27 -0.50 7.11
CA GLY A 203 8.00 -1.13 7.39
C GLY A 203 7.43 -0.64 8.69
N THR A 204 6.30 -1.23 9.08
CA THR A 204 5.74 -0.97 10.42
C THR A 204 5.95 -2.21 11.29
N PRO A 205 6.22 -2.01 12.60
CA PRO A 205 6.66 -3.15 13.42
C PRO A 205 5.83 -4.41 13.33
N GLU A 206 4.50 -4.31 13.43
CA GLU A 206 3.69 -5.50 13.51
C GLU A 206 3.74 -6.32 12.22
N TYR A 207 4.18 -5.72 11.12
CA TYR A 207 4.13 -6.36 9.81
C TYR A 207 5.51 -6.76 9.31
N LEU A 208 6.59 -6.53 10.07
CA LEU A 208 7.92 -6.84 9.60
C LEU A 208 8.16 -8.35 9.56
N ALA A 209 8.74 -8.81 8.44
CA ALA A 209 9.14 -10.20 8.35
C ALA A 209 10.38 -10.44 9.19
N PRO A 210 10.59 -11.69 9.62
CA PRO A 210 11.75 -11.98 10.47
C PRO A 210 13.07 -11.58 9.83
N GLU A 211 13.21 -11.81 8.52
CA GLU A 211 14.48 -11.52 7.87
C GLU A 211 14.77 -10.02 7.85
N ILE A 212 13.74 -9.17 7.92
CA ILE A 212 13.98 -7.73 8.06
C ILE A 212 14.47 -7.42 9.46
N ILE A 213 13.82 -7.99 10.47
CA ILE A 213 14.22 -7.75 11.86
C ILE A 213 15.65 -8.18 12.09
N LEU A 214 16.06 -9.29 11.46
CA LEU A 214 17.38 -9.86 11.62
C LEU A 214 18.42 -9.26 10.69
N SER A 215 18.09 -8.20 9.97
CA SER A 215 19.06 -7.44 9.17
C SER A 215 19.67 -8.25 8.04
N LYS A 216 18.91 -9.14 7.43
CA LYS A 216 19.37 -9.93 6.32
C LYS A 216 19.11 -9.20 5.00
N GLY A 217 19.76 -9.68 3.96
CA GLY A 217 19.35 -9.34 2.61
C GLY A 217 18.09 -10.09 2.28
N TYR A 218 17.01 -9.37 2.02
CA TYR A 218 15.71 -9.97 1.87
C TYR A 218 15.12 -9.65 0.51
N ASN A 219 14.01 -10.30 0.18
CA ASN A 219 13.44 -10.22 -1.16
C ASN A 219 11.92 -10.12 -1.06
N LYS A 220 11.25 -10.35 -2.19
CA LYS A 220 9.81 -10.19 -2.30
C LYS A 220 9.04 -11.06 -1.32
N ALA A 221 9.66 -12.10 -0.75
CA ALA A 221 8.97 -12.94 0.22
C ALA A 221 8.48 -12.17 1.43
N VAL A 222 9.06 -11.00 1.71
CA VAL A 222 8.58 -10.19 2.84
C VAL A 222 7.16 -9.73 2.60
N ASP A 223 6.76 -9.51 1.34
CA ASP A 223 5.39 -9.10 1.05
C ASP A 223 4.40 -10.20 1.39
N TRP A 224 4.76 -11.46 1.14
CA TRP A 224 3.86 -12.57 1.44
C TRP A 224 3.73 -12.78 2.94
N TRP A 225 4.82 -12.61 3.70
CA TRP A 225 4.72 -12.59 5.16
C TRP A 225 3.72 -11.55 5.61
N ALA A 226 3.87 -10.32 5.11
CA ALA A 226 2.98 -9.23 5.50
C ALA A 226 1.53 -9.53 5.12
N LEU A 227 1.31 -10.24 4.01
CA LEU A 227 -0.05 -10.63 3.66
C LEU A 227 -0.62 -11.55 4.74
N GLY A 228 0.16 -12.49 5.25
CA GLY A 228 -0.29 -13.30 6.36
C GLY A 228 -0.68 -12.47 7.56
N VAL A 229 0.13 -11.46 7.90
CA VAL A 229 -0.21 -10.59 9.03
C VAL A 229 -1.53 -9.89 8.76
N LEU A 230 -1.71 -9.36 7.55
CA LEU A 230 -2.92 -8.62 7.22
C LEU A 230 -4.15 -9.51 7.29
N ILE A 231 -4.08 -10.70 6.72
CA ILE A 231 -5.22 -11.62 6.75
C ILE A 231 -5.58 -11.95 8.19
N TYR A 232 -4.57 -12.26 9.01
CA TYR A 232 -4.82 -12.53 10.42
C TYR A 232 -5.51 -11.33 11.07
N GLU A 233 -4.97 -10.13 10.86
CA GLU A 233 -5.53 -8.95 11.53
C GLU A 233 -6.97 -8.69 11.06
N MET A 234 -7.24 -8.84 9.76
CA MET A 234 -8.60 -8.65 9.27
C MET A 234 -9.56 -9.65 9.92
N ALA A 235 -9.14 -10.91 10.07
CA ALA A 235 -10.08 -11.92 10.53
C ALA A 235 -10.18 -12.01 12.06
N ALA A 236 -9.15 -11.54 12.78
CA ALA A 236 -9.14 -11.56 14.25
C ALA A 236 -9.49 -10.21 14.87
N GLY A 237 -9.13 -9.12 14.19
CA GLY A 237 -9.27 -7.78 14.74
C GLY A 237 -8.01 -7.22 15.36
N TYR A 238 -6.93 -8.00 15.43
CA TYR A 238 -5.67 -7.61 16.02
C TYR A 238 -4.60 -8.42 15.31
N PRO A 239 -3.35 -7.93 15.30
CA PRO A 239 -2.32 -8.64 14.53
C PRO A 239 -1.72 -9.78 15.33
N PRO A 240 -1.09 -10.73 14.65
CA PRO A 240 -0.69 -11.99 15.30
C PRO A 240 0.42 -11.87 16.32
N PHE A 241 1.29 -10.87 16.20
CA PHE A 241 2.44 -10.75 17.08
C PHE A 241 2.32 -9.55 18.00
N PHE A 242 1.08 -9.15 18.26
CA PHE A 242 0.84 -7.95 19.05
C PHE A 242 1.53 -8.03 20.41
N ALA A 243 2.14 -6.92 20.80
CA ALA A 243 2.68 -6.73 22.12
C ALA A 243 2.77 -5.23 22.34
N ASP A 244 2.94 -4.82 23.60
CA ASP A 244 2.89 -3.40 23.92
C ASP A 244 4.14 -2.65 23.46
N GLN A 245 5.33 -3.30 23.51
CA GLN A 245 6.59 -2.70 23.12
C GLN A 245 7.14 -3.32 21.85
N PRO A 246 7.74 -2.54 20.95
CA PRO A 246 8.28 -3.13 19.71
C PRO A 246 9.24 -4.28 19.95
N ILE A 247 10.10 -4.19 20.96
CA ILE A 247 11.03 -5.29 21.24
C ILE A 247 10.26 -6.60 21.43
N GLN A 248 9.12 -6.54 22.13
CA GLN A 248 8.35 -7.75 22.36
C GLN A 248 7.68 -8.24 21.08
N ILE A 249 7.23 -7.30 20.23
CA ILE A 249 6.70 -7.67 18.93
C ILE A 249 7.75 -8.45 18.14
N TYR A 250 8.97 -7.91 18.10
CA TYR A 250 10.01 -8.54 17.29
C TYR A 250 10.38 -9.92 17.83
N GLU A 251 10.46 -10.07 19.15
CA GLU A 251 10.70 -11.37 19.74
C GLU A 251 9.63 -12.38 19.32
N LYS A 252 8.36 -11.96 19.30
CA LYS A 252 7.32 -12.88 18.88
C LYS A 252 7.44 -13.22 17.39
N ILE A 253 7.73 -12.21 16.56
CA ILE A 253 7.84 -12.46 15.11
C ILE A 253 8.91 -13.50 14.81
N VAL A 254 10.09 -13.37 15.41
CA VAL A 254 11.18 -14.29 15.08
C VAL A 254 11.01 -15.66 15.72
N SER A 255 10.08 -15.82 16.67
CA SER A 255 10.01 -17.02 17.49
C SER A 255 9.53 -18.27 16.74
N GLY A 256 8.82 -18.12 15.64
CA GLY A 256 8.27 -19.26 14.95
C GLY A 256 6.97 -19.78 15.52
N LYS A 257 6.32 -19.03 16.42
CA LYS A 257 5.07 -19.42 17.07
C LYS A 257 3.99 -18.39 16.79
N VAL A 258 2.77 -18.86 16.55
CA VAL A 258 1.60 -18.00 16.40
C VAL A 258 0.40 -18.73 17.00
N ARG A 259 -0.46 -17.98 17.67
CA ARG A 259 -1.69 -18.52 18.26
C ARG A 259 -2.85 -18.02 17.41
N PHE A 260 -3.81 -18.89 17.18
CA PHE A 260 -4.95 -18.54 16.35
C PHE A 260 -6.24 -18.55 17.18
N PRO A 261 -7.14 -17.59 16.96
CA PRO A 261 -8.46 -17.67 17.59
C PRO A 261 -9.16 -18.95 17.20
N SER A 262 -9.89 -19.53 18.16
CA SER A 262 -10.71 -20.70 17.88
C SER A 262 -11.71 -20.45 16.76
N HIS A 263 -12.16 -19.21 16.57
CA HIS A 263 -13.12 -19.02 15.51
C HIS A 263 -12.53 -19.10 14.10
N PHE A 264 -11.20 -19.08 13.94
CA PHE A 264 -10.63 -19.25 12.62
C PHE A 264 -10.95 -20.64 12.08
N SER A 265 -11.28 -20.71 10.79
CA SER A 265 -11.43 -21.99 10.13
C SER A 265 -10.09 -22.72 10.05
N SER A 266 -10.16 -24.04 9.91
CA SER A 266 -8.93 -24.83 9.74
C SER A 266 -8.19 -24.42 8.48
N ASP A 267 -8.91 -24.11 7.40
CA ASP A 267 -8.27 -23.67 6.17
C ASP A 267 -7.53 -22.36 6.38
N LEU A 268 -8.13 -21.42 7.11
CA LEU A 268 -7.45 -20.15 7.38
C LEU A 268 -6.17 -20.38 8.18
N LYS A 269 -6.24 -21.19 9.22
CA LYS A 269 -5.05 -21.47 10.02
C LYS A 269 -3.95 -22.08 9.16
N ASP A 270 -4.31 -23.02 8.29
CA ASP A 270 -3.31 -23.66 7.45
C ASP A 270 -2.64 -22.66 6.51
N LEU A 271 -3.44 -21.81 5.87
CA LEU A 271 -2.86 -20.81 4.99
C LEU A 271 -1.92 -19.91 5.76
N LEU A 272 -2.36 -19.45 6.93
CA LEU A 272 -1.55 -18.49 7.69
C LEU A 272 -0.26 -19.12 8.20
N ARG A 273 -0.27 -20.39 8.57
CA ARG A 273 0.98 -21.05 8.95
C ARG A 273 2.00 -21.02 7.80
N ASN A 274 1.52 -21.08 6.56
CA ASN A 274 2.39 -21.11 5.40
C ASN A 274 2.82 -19.73 4.93
N LEU A 275 2.05 -18.70 5.21
CA LEU A 275 2.46 -17.33 4.95
C LEU A 275 3.35 -16.80 6.06
N LEU A 276 3.01 -17.11 7.31
CA LEU A 276 3.78 -16.69 8.48
C LEU A 276 4.85 -17.70 8.82
N GLN A 277 5.52 -18.17 7.79
CA GLN A 277 6.60 -19.12 7.89
C GLN A 277 7.91 -18.35 8.09
N VAL A 278 8.57 -18.56 9.22
N VAL A 278 8.55 -18.54 9.23
CA VAL A 278 9.76 -17.76 9.53
CA VAL A 278 9.76 -17.78 9.53
C VAL A 278 10.94 -18.12 8.63
C VAL A 278 10.84 -18.07 8.48
N ASP A 279 10.96 -19.32 8.04
CA ASP A 279 11.99 -19.71 7.09
C ASP A 279 11.50 -19.26 5.72
N LEU A 280 12.11 -18.19 5.18
CA LEU A 280 11.63 -17.63 3.93
C LEU A 280 11.71 -18.62 2.78
N THR A 281 12.60 -19.61 2.85
CA THR A 281 12.71 -20.59 1.78
C THR A 281 11.56 -21.59 1.78
N LYS A 282 10.72 -21.57 2.82
CA LYS A 282 9.55 -22.43 2.93
C LYS A 282 8.23 -21.67 2.90
N ARG A 283 8.28 -20.37 2.65
CA ARG A 283 7.11 -19.51 2.79
C ARG A 283 6.30 -19.50 1.50
N PHE A 284 4.98 -19.67 1.63
CA PHE A 284 4.11 -19.59 0.46
C PHE A 284 4.30 -18.26 -0.24
N GLY A 285 4.26 -18.31 -1.56
CA GLY A 285 4.61 -17.21 -2.42
C GLY A 285 6.06 -17.21 -2.85
N ASN A 286 6.92 -17.93 -2.11
CA ASN A 286 8.34 -17.99 -2.41
C ASN A 286 8.81 -19.38 -2.77
N LEU A 287 7.89 -20.32 -3.03
CA LEU A 287 8.23 -21.67 -3.47
C LEU A 287 8.24 -21.74 -4.99
N LYS A 288 8.57 -22.92 -5.53
CA LYS A 288 8.70 -23.03 -6.98
C LYS A 288 7.42 -22.67 -7.71
N ASN A 289 6.25 -22.95 -7.12
CA ASN A 289 4.98 -22.64 -7.75
C ASN A 289 4.53 -21.20 -7.50
N GLY A 290 5.34 -20.42 -6.80
CA GLY A 290 5.06 -18.99 -6.67
C GLY A 290 3.69 -18.69 -6.09
N VAL A 291 3.00 -17.76 -6.72
CA VAL A 291 1.72 -17.31 -6.19
C VAL A 291 0.66 -18.40 -6.26
N ASN A 292 0.84 -19.41 -7.11
CA ASN A 292 -0.22 -20.41 -7.28
C ASN A 292 -0.40 -21.26 -6.05
N ASP A 293 0.61 -21.40 -5.19
CA ASP A 293 0.39 -22.10 -3.93
C ASP A 293 -0.63 -21.37 -3.06
N ILE A 294 -0.67 -20.04 -3.16
CA ILE A 294 -1.66 -19.25 -2.45
C ILE A 294 -3.00 -19.30 -3.15
N LYS A 295 -3.03 -19.03 -4.46
CA LYS A 295 -4.28 -18.98 -5.19
C LYS A 295 -5.03 -20.31 -5.16
N ASN A 296 -4.32 -21.43 -5.08
CA ASN A 296 -4.93 -22.76 -5.10
C ASN A 296 -5.18 -23.31 -3.72
N HIS A 297 -4.88 -22.55 -2.68
CA HIS A 297 -5.11 -23.03 -1.33
C HIS A 297 -6.62 -23.14 -1.08
N LYS A 298 -6.99 -24.13 -0.26
CA LYS A 298 -8.39 -24.35 0.09
C LYS A 298 -9.08 -23.10 0.62
N TRP A 299 -8.37 -22.25 1.38
CA TRP A 299 -9.07 -21.06 1.89
C TRP A 299 -9.59 -20.18 0.77
N PHE A 300 -8.96 -20.20 -0.40
CA PHE A 300 -9.39 -19.44 -1.57
C PHE A 300 -10.25 -20.23 -2.55
N ALA A 301 -10.79 -21.38 -2.14
CA ALA A 301 -11.52 -22.22 -3.10
C ALA A 301 -12.72 -21.49 -3.70
N THR A 302 -13.38 -20.63 -2.94
CA THR A 302 -14.56 -19.93 -3.44
C THR A 302 -14.21 -18.69 -4.27
N THR A 303 -12.94 -18.33 -4.39
CA THR A 303 -12.56 -17.08 -5.04
C THR A 303 -12.48 -17.26 -6.55
N ASP A 304 -13.19 -16.41 -7.27
CA ASP A 304 -13.13 -16.34 -8.72
C ASP A 304 -12.12 -15.23 -9.05
N TRP A 305 -10.87 -15.63 -9.30
CA TRP A 305 -9.78 -14.69 -9.46
C TRP A 305 -10.03 -13.71 -10.61
N ILE A 306 -10.50 -14.21 -11.76
CA ILE A 306 -10.77 -13.32 -12.88
C ILE A 306 -11.89 -12.34 -12.54
N ALA A 307 -12.95 -12.82 -11.89
CA ALA A 307 -14.06 -11.94 -11.55
C ALA A 307 -13.62 -10.83 -10.60
N ILE A 308 -12.73 -11.15 -9.66
CA ILE A 308 -12.19 -10.12 -8.77
C ILE A 308 -11.41 -9.09 -9.57
N TYR A 309 -10.50 -9.56 -10.43
CA TYR A 309 -9.72 -8.65 -11.26
C TYR A 309 -10.62 -7.71 -12.07
N GLN A 310 -11.67 -8.25 -12.66
CA GLN A 310 -12.61 -7.51 -13.48
C GLN A 310 -13.60 -6.69 -12.67
N ARG A 311 -13.53 -6.76 -11.33
N ARG A 311 -13.52 -6.76 -11.34
CA ARG A 311 -14.42 -5.99 -10.45
CA ARG A 311 -14.41 -6.01 -10.45
C ARG A 311 -15.88 -6.37 -10.64
C ARG A 311 -15.87 -6.35 -10.71
N LYS A 312 -16.14 -7.64 -10.92
CA LYS A 312 -17.50 -8.12 -11.14
C LYS A 312 -18.12 -8.74 -9.89
N VAL A 313 -17.34 -8.98 -8.85
CA VAL A 313 -17.86 -9.50 -7.60
C VAL A 313 -18.49 -8.36 -6.81
N GLU A 314 -19.65 -8.62 -6.21
CA GLU A 314 -20.28 -7.64 -5.34
C GLU A 314 -19.53 -7.58 -4.01
N ALA A 315 -19.16 -6.37 -3.60
CA ALA A 315 -18.31 -6.22 -2.44
C ALA A 315 -19.11 -6.49 -1.16
N PRO A 316 -18.44 -6.90 -0.09
CA PRO A 316 -19.15 -7.12 1.18
C PRO A 316 -19.65 -5.84 1.83
N PHE A 317 -19.09 -4.70 1.46
CA PHE A 317 -19.32 -3.47 2.20
C PHE A 317 -19.06 -2.30 1.28
N ILE A 318 -20.01 -1.38 1.20
CA ILE A 318 -19.88 -0.15 0.43
C ILE A 318 -19.74 0.97 1.46
N PRO A 319 -18.63 1.71 1.44
CA PRO A 319 -18.48 2.78 2.44
C PRO A 319 -19.51 3.86 2.23
N LYS A 320 -19.93 4.47 3.33
CA LYS A 320 -20.91 5.55 3.30
C LYS A 320 -20.17 6.87 3.12
N PHE A 321 -20.53 7.61 2.09
CA PHE A 321 -19.97 8.93 1.87
C PHE A 321 -20.96 9.66 0.95
N LYS A 322 -20.90 10.99 0.99
CA LYS A 322 -21.90 11.78 0.30
C LYS A 322 -21.52 12.17 -1.12
N GLY A 323 -20.23 12.10 -1.47
CA GLY A 323 -19.78 12.51 -2.77
C GLY A 323 -18.27 12.59 -2.79
N PRO A 324 -17.72 12.98 -3.95
CA PRO A 324 -16.25 12.98 -4.11
C PRO A 324 -15.52 14.03 -3.30
N GLY A 325 -16.22 14.97 -2.68
CA GLY A 325 -15.62 15.93 -1.79
C GLY A 325 -15.82 15.64 -0.32
N ASP A 326 -16.47 14.53 0.02
CA ASP A 326 -16.75 14.20 1.40
C ASP A 326 -15.50 13.65 2.06
N THR A 327 -15.11 14.25 3.19
CA THR A 327 -13.94 13.86 3.97
C THR A 327 -14.30 13.10 5.25
N SER A 328 -15.57 12.71 5.43
N SER A 328 -15.57 12.71 5.41
CA SER A 328 -16.05 12.18 6.70
CA SER A 328 -16.05 12.18 6.67
C SER A 328 -15.42 10.85 7.09
C SER A 328 -15.33 10.92 7.10
N ASN A 329 -14.82 10.12 6.15
CA ASN A 329 -14.14 8.87 6.48
C ASN A 329 -12.67 9.04 6.80
N PHE A 330 -12.17 10.28 6.79
CA PHE A 330 -10.82 10.60 7.24
C PHE A 330 -10.93 11.45 8.50
N ASP A 331 -9.83 11.59 9.21
CA ASP A 331 -9.89 12.25 10.51
C ASP A 331 -9.33 13.65 10.42
N ASP A 332 -9.36 14.34 11.56
CA ASP A 332 -9.13 15.76 11.63
C ASP A 332 -7.74 16.08 12.14
N TYR A 333 -7.03 16.96 11.42
CA TYR A 333 -5.69 17.36 11.77
C TYR A 333 -5.60 18.87 11.76
N GLU A 334 -4.64 19.39 12.51
CA GLU A 334 -4.36 20.83 12.47
C GLU A 334 -3.96 21.20 11.05
N GLU A 335 -4.56 22.26 10.53
CA GLU A 335 -4.30 22.72 9.16
C GLU A 335 -3.10 23.66 9.17
N GLU A 336 -2.03 23.26 8.47
CA GLU A 336 -0.78 24.01 8.43
C GLU A 336 -0.52 24.54 7.02
N GLU A 337 0.30 25.60 6.93
CA GLU A 337 0.61 26.23 5.65
C GLU A 337 1.35 25.29 4.68
N ILE A 338 1.16 25.51 3.38
CA ILE A 338 2.04 24.93 2.35
C ILE A 338 2.93 26.08 1.90
N ARG A 339 4.11 26.20 2.52
CA ARG A 339 5.03 27.28 2.23
C ARG A 339 5.97 26.89 1.10
N VAL A 340 6.22 27.82 0.20
CA VAL A 340 7.17 27.61 -0.88
C VAL A 340 8.23 28.71 -0.77
N SEP A 341 9.47 28.31 -0.50
CA SEP A 341 10.56 29.25 -0.32
CB SEP A 341 11.81 28.51 0.16
OG SEP A 341 12.95 29.35 0.10
C SEP A 341 10.85 30.02 -1.61
O SEP A 341 10.56 29.53 -2.70
P SEP A 341 13.18 30.25 1.43
O1P SEP A 341 14.74 30.54 1.55
O2P SEP A 341 12.31 31.58 1.21
O3P SEP A 341 12.63 29.47 2.72
H SEP A 341 9.70 27.48 -0.41
HA SEP A 341 10.32 29.91 0.37
HB2 SEP A 341 11.96 27.74 -0.41
HB3 SEP A 341 11.68 28.22 1.08
N ILE A 342 11.41 31.21 -1.46
CA ILE A 342 11.86 32.00 -2.61
C ILE A 342 13.14 31.45 -3.21
N ASN A 343 13.81 30.54 -2.49
CA ASN A 343 15.05 29.94 -2.95
C ASN A 343 14.86 28.44 -3.11
N GLU A 344 15.48 27.86 -4.14
CA GLU A 344 15.36 26.44 -4.37
C GLU A 344 16.15 25.64 -3.33
N LYS A 345 15.50 24.66 -2.72
CA LYS A 345 16.11 23.78 -1.74
C LYS A 345 16.36 22.41 -2.36
N CYS A 346 17.55 21.85 -2.12
CA CYS A 346 17.83 20.46 -2.44
C CYS A 346 17.59 20.13 -3.92
N GLY A 347 17.86 21.08 -4.81
CA GLY A 347 17.59 20.85 -6.21
C GLY A 347 18.33 19.62 -6.74
N LYS A 348 19.61 19.52 -6.41
CA LYS A 348 20.42 18.42 -6.90
C LYS A 348 19.82 17.08 -6.52
N GLU A 349 19.47 16.92 -5.25
CA GLU A 349 19.00 15.64 -4.75
C GLU A 349 17.76 15.15 -5.50
N PHE A 350 16.90 16.08 -5.92
CA PHE A 350 15.61 15.71 -6.49
C PHE A 350 15.51 16.01 -7.99
N THR A 351 16.66 16.10 -8.66
CA THR A 351 16.67 16.41 -10.09
C THR A 351 15.73 15.51 -10.89
N GLU A 352 15.73 14.21 -10.62
CA GLU A 352 14.95 13.29 -11.43
C GLU A 352 13.45 13.32 -11.13
N PHE A 353 13.03 13.96 -10.05
CA PHE A 353 11.62 13.93 -9.70
C PHE A 353 10.81 14.76 -10.70
S DMS B . -2.32 -4.90 -19.10
O DMS B . -1.89 -4.43 -17.75
C1 DMS B . -1.77 -6.61 -19.37
C2 DMS B . -4.13 -5.02 -19.25
S DMS C . 15.43 5.53 -8.83
O DMS C . 15.41 6.13 -10.19
C1 DMS C . 13.74 5.55 -8.19
C2 DMS C . 15.71 3.74 -8.97
S DMS D . -12.15 -7.80 19.11
O DMS D . -12.57 -8.39 17.79
C1 DMS D . -11.45 -9.09 20.17
C2 DMS D . -10.68 -6.76 18.87
S DMS E . 11.03 0.56 11.85
O DMS E . 10.21 1.67 11.26
C1 DMS E . 11.55 -0.57 10.54
C2 DMS E . 12.63 1.22 12.41
C1' GAB F . -6.15 9.08 -1.49
O1' GAB F . -5.55 8.75 -2.59
O2' GAB F . -7.35 9.30 -1.43
C1 GAB F . -5.28 9.12 -0.27
C2 GAB F . -3.96 8.72 -0.34
C3 GAB F . -3.15 8.73 0.81
C4 GAB F . -3.69 9.16 2.01
C5 GAB F . -5.02 9.57 2.08
C6 GAB F . -5.82 9.53 0.95
N3 GAB F . -1.82 8.30 0.73
#